data_1ZBS
#
_entry.id   1ZBS
#
_cell.length_a   89.506
_cell.length_b   89.506
_cell.length_c   82.323
_cell.angle_alpha   90.00
_cell.angle_beta   90.00
_cell.angle_gamma   120.00
#
_symmetry.space_group_name_H-M   'P 32 2 1'
#
loop_
_entity.id
_entity.type
_entity.pdbx_description
1 polymer 'hypothetical protein PG1100'
2 water water
#
_entity_poly.entity_id   1
_entity_poly.type   'polypeptide(L)'
_entity_poly.pdbx_seq_one_letter_code
;(MSE)ILIGDSGSTKTDWCIAKEGKSLGRFQTSGINPFQQDRNEIDTALRSEVLPAIGQKASSIRAVYFYGAGCTPAKAP
(MSE)LNEALDS(MSE)LPHCDRIEVAGD(MSE)LGAARALCGDSEGIACILGTGSNSCLFDGREIKANVSPLGYILGDE
GSGAVLGRLFIGSLLKGQ(MSE)PEGLCEAFLQEYGLTSADIIESVYRKPFPNRFLAGFSPFIAQHLDIPAVYSLVQNSF
DDFLVRNVLRYNRPDLPLHFIGSVAFHYREVLSSVIKKRGLTLGSVLQSP(MSE)EGLIQYHHNNHVLEHHHHHH
;
_entity_poly.pdbx_strand_id   A
#
# COMPACT_ATOMS: atom_id res chain seq x y z
N ILE A 2 -6.03 7.65 21.08
CA ILE A 2 -4.84 7.22 20.36
C ILE A 2 -4.70 7.80 18.97
N LEU A 3 -3.47 7.76 18.47
CA LEU A 3 -3.14 8.27 17.13
C LEU A 3 -2.66 7.11 16.26
N ILE A 4 -3.36 6.86 15.17
CA ILE A 4 -2.96 5.78 14.29
C ILE A 4 -2.55 6.30 12.92
N GLY A 5 -1.38 5.87 12.46
CA GLY A 5 -0.87 6.30 11.19
C GLY A 5 -0.50 5.15 10.28
N ASP A 6 -0.92 5.25 9.03
CA ASP A 6 -0.63 4.23 8.03
C ASP A 6 0.00 4.93 6.83
N SER A 7 1.30 4.76 6.68
CA SER A 7 2.05 5.39 5.59
C SER A 7 2.39 4.44 4.44
N GLY A 8 2.12 4.90 3.22
CA GLY A 8 2.42 4.12 2.04
C GLY A 8 3.39 4.90 1.17
N SER A 9 3.66 4.37 -0.02
CA SER A 9 4.57 5.00 -0.96
C SER A 9 3.86 6.07 -1.78
N THR A 10 3.15 6.95 -1.07
CA THR A 10 2.39 8.04 -1.70
C THR A 10 1.98 9.05 -0.63
N LYS A 11 1.09 8.64 0.28
CA LYS A 11 0.62 9.52 1.34
C LYS A 11 0.54 8.78 2.68
N THR A 12 0.25 9.51 3.75
CA THR A 12 0.13 8.91 5.08
C THR A 12 -1.25 9.20 5.64
N ASP A 13 -1.97 8.14 6.01
CA ASP A 13 -3.31 8.30 6.56
C ASP A 13 -3.29 8.27 8.09
N TRP A 14 -3.85 9.31 8.71
CA TRP A 14 -3.89 9.41 10.16
C TRP A 14 -5.31 9.36 10.71
N CYS A 15 -5.42 8.93 11.98
CA CYS A 15 -6.71 8.85 12.65
C CYS A 15 -6.57 8.91 14.17
N ILE A 16 -7.35 9.79 14.79
CA ILE A 16 -7.37 9.93 16.22
C ILE A 16 -8.63 9.20 16.68
N ALA A 17 -8.44 8.04 17.30
CA ALA A 17 -9.56 7.23 17.76
C ALA A 17 -9.66 7.19 19.29
N LYS A 18 -10.85 6.86 19.78
CA LYS A 18 -11.11 6.75 21.21
C LYS A 18 -12.06 5.58 21.38
N GLU A 19 -11.58 4.54 22.07
CA GLU A 19 -12.38 3.35 22.32
C GLU A 19 -13.05 2.81 21.06
N GLY A 20 -12.26 2.45 20.06
CA GLY A 20 -12.80 1.92 18.83
C GLY A 20 -13.61 2.90 17.99
N LYS A 21 -13.62 4.17 18.38
CA LYS A 21 -14.36 5.19 17.62
C LYS A 21 -13.45 6.29 17.09
N SER A 22 -13.68 6.69 15.84
CA SER A 22 -12.87 7.72 15.20
C SER A 22 -13.33 9.13 15.56
N LEU A 23 -12.40 9.97 15.99
CA LEU A 23 -12.70 11.34 16.35
C LEU A 23 -11.98 12.27 15.39
N GLY A 24 -10.94 11.74 14.74
CA GLY A 24 -10.17 12.53 13.78
C GLY A 24 -9.68 11.67 12.62
N ARG A 25 -9.45 12.29 11.48
CA ARG A 25 -8.98 11.59 10.28
C ARG A 25 -8.25 12.63 9.41
N PHE A 26 -6.93 12.67 9.55
CA PHE A 26 -6.08 13.63 8.81
C PHE A 26 -5.56 13.01 7.54
N GLN A 27 -4.89 13.84 6.73
CA GLN A 27 -4.33 13.38 5.47
C GLN A 27 -3.00 14.09 5.21
N THR A 28 -1.89 13.40 5.45
CA THR A 28 -0.58 13.99 5.21
C THR A 28 0.09 13.17 4.13
N SER A 29 1.41 13.25 4.01
CA SER A 29 2.09 12.48 2.99
C SER A 29 3.46 11.99 3.40
N GLY A 30 4.07 11.20 2.51
CA GLY A 30 5.39 10.65 2.73
C GLY A 30 5.61 9.93 4.05
N ILE A 31 6.63 10.36 4.77
CA ILE A 31 6.99 9.78 6.06
C ILE A 31 7.46 8.33 5.92
N ASN A 32 8.78 8.17 5.76
CA ASN A 32 9.40 6.84 5.62
C ASN A 32 10.83 6.93 6.16
N PRO A 33 11.10 6.24 7.28
CA PRO A 33 12.40 6.21 7.95
C PRO A 33 13.58 5.66 7.15
N PHE A 34 13.31 4.80 6.16
CA PHE A 34 14.37 4.22 5.35
C PHE A 34 14.67 5.06 4.12
N GLN A 35 13.64 5.73 3.62
CA GLN A 35 13.76 6.56 2.43
C GLN A 35 14.17 7.98 2.80
N GLN A 36 13.69 8.46 3.94
CA GLN A 36 13.99 9.80 4.43
C GLN A 36 14.85 9.71 5.69
N ASP A 37 15.31 10.87 6.20
CA ASP A 37 16.14 10.88 7.39
C ASP A 37 15.54 11.68 8.55
N ARG A 38 16.31 11.80 9.63
CA ARG A 38 15.89 12.49 10.84
C ARG A 38 15.07 13.76 10.67
N ASN A 39 15.70 14.84 10.22
CA ASN A 39 15.00 16.12 10.10
C ASN A 39 14.20 16.36 8.83
N GLU A 40 14.47 15.61 7.76
CA GLU A 40 13.70 15.83 6.53
C GLU A 40 12.29 15.25 6.74
N ILE A 41 12.12 14.53 7.85
CA ILE A 41 10.81 13.96 8.19
C ILE A 41 10.36 14.61 9.50
N ASP A 42 11.32 15.25 10.19
CA ASP A 42 11.08 15.94 11.45
C ASP A 42 10.33 17.22 11.13
N THR A 43 10.34 17.57 9.84
CA THR A 43 9.67 18.76 9.38
C THR A 43 8.22 18.46 8.99
N ALA A 44 8.01 17.29 8.40
CA ALA A 44 6.68 16.87 7.99
C ALA A 44 5.82 16.61 9.22
N LEU A 45 6.45 16.08 10.27
CA LEU A 45 5.75 15.78 11.51
C LEU A 45 5.12 17.02 12.15
N ARG A 46 5.91 18.08 12.27
CA ARG A 46 5.40 19.29 12.90
C ARG A 46 4.93 20.40 11.97
N SER A 47 4.62 20.04 10.72
CA SER A 47 4.15 21.01 9.75
C SER A 47 2.94 20.43 9.03
N GLU A 48 2.79 19.11 9.14
CA GLU A 48 1.68 18.41 8.51
C GLU A 48 0.90 17.58 9.52
N VAL A 49 1.61 16.92 10.43
CA VAL A 49 0.95 16.09 11.43
C VAL A 49 0.44 16.89 12.63
N LEU A 50 1.33 17.60 13.29
CA LEU A 50 0.96 18.40 14.45
C LEU A 50 -0.18 19.38 14.20
N PRO A 51 -0.10 20.16 13.12
CA PRO A 51 -1.17 21.11 12.82
C PRO A 51 -2.53 20.46 12.51
N ALA A 52 -2.49 19.18 12.17
CA ALA A 52 -3.71 18.44 11.86
C ALA A 52 -4.39 17.98 13.14
N ILE A 53 -3.59 17.48 14.07
CA ILE A 53 -4.09 17.03 15.36
C ILE A 53 -4.27 18.22 16.30
N GLY A 54 -3.30 19.13 16.22
CA GLY A 54 -3.27 20.33 17.04
C GLY A 54 -4.58 20.69 17.73
N GLN A 55 -4.74 20.23 18.96
CA GLN A 55 -5.96 20.48 19.73
C GLN A 55 -6.02 19.42 20.83
N LYS A 56 -6.13 18.17 20.42
CA LYS A 56 -6.17 17.09 21.39
C LYS A 56 -4.80 16.47 21.41
N ALA A 57 -3.79 17.28 21.14
CA ALA A 57 -2.42 16.82 21.13
C ALA A 57 -1.99 16.30 22.50
N SER A 58 -2.68 16.76 23.54
CA SER A 58 -2.35 16.35 24.90
C SER A 58 -3.21 15.17 25.35
N SER A 59 -4.21 14.84 24.53
CA SER A 59 -5.11 13.73 24.78
C SER A 59 -4.54 12.44 24.18
N ILE A 60 -3.47 12.57 23.42
CA ILE A 60 -2.85 11.40 22.80
C ILE A 60 -2.02 10.64 23.83
N ARG A 61 -2.56 9.51 24.28
CA ARG A 61 -1.91 8.68 25.28
C ARG A 61 -1.03 7.61 24.66
N ALA A 62 -1.19 7.39 23.36
CA ALA A 62 -0.40 6.42 22.63
C ALA A 62 -0.53 6.67 21.14
N VAL A 63 0.47 6.24 20.41
CA VAL A 63 0.53 6.39 18.96
C VAL A 63 1.08 5.11 18.34
N TYR A 64 0.41 4.66 17.27
CA TYR A 64 0.79 3.44 16.55
C TYR A 64 0.96 3.81 15.06
N PHE A 65 2.20 3.68 14.59
CA PHE A 65 2.52 4.03 13.22
C PHE A 65 2.88 2.79 12.40
N TYR A 66 2.32 2.72 11.20
CA TYR A 66 2.57 1.63 10.28
C TYR A 66 2.96 2.24 8.94
N GLY A 67 4.11 1.87 8.42
CA GLY A 67 4.55 2.41 7.15
C GLY A 67 5.66 1.62 6.47
N ALA A 68 5.68 1.66 5.15
CA ALA A 68 6.71 0.95 4.39
C ALA A 68 8.05 1.63 4.63
N GLY A 69 9.06 0.84 4.98
CA GLY A 69 10.38 1.39 5.24
C GLY A 69 10.69 1.38 6.73
N CYS A 70 9.67 1.07 7.52
CA CYS A 70 9.86 1.03 8.96
C CYS A 70 10.54 -0.25 9.38
N THR A 71 11.69 -0.50 8.74
CA THR A 71 12.49 -1.68 9.03
C THR A 71 12.82 -1.70 10.52
N PRO A 72 13.03 -2.89 11.09
CA PRO A 72 13.35 -3.01 12.51
C PRO A 72 14.68 -2.35 12.87
N ALA A 73 15.31 -1.71 11.88
CA ALA A 73 16.58 -1.03 12.08
C ALA A 73 16.41 0.47 12.07
N LYS A 74 15.53 0.97 11.21
CA LYS A 74 15.30 2.39 11.13
C LYS A 74 13.99 2.84 11.77
N ALA A 75 13.26 1.89 12.34
CA ALA A 75 12.00 2.19 13.01
C ALA A 75 12.24 3.09 14.24
N PRO A 76 13.26 2.75 15.06
CA PRO A 76 13.57 3.54 16.26
C PRO A 76 13.94 5.00 15.97
N LEU A 78 12.05 6.97 13.62
CA LEU A 78 10.77 7.66 13.51
C LEU A 78 10.14 7.70 14.90
N ASN A 79 10.47 6.72 15.71
CA ASN A 79 9.95 6.63 17.07
C ASN A 79 10.45 7.85 17.86
N GLU A 80 11.70 8.22 17.63
CA GLU A 80 12.30 9.38 18.30
C GLU A 80 11.67 10.67 17.81
N ALA A 81 11.47 10.76 16.50
CA ALA A 81 10.87 11.94 15.87
C ALA A 81 9.45 12.14 16.37
N LEU A 82 8.68 11.05 16.40
CA LEU A 82 7.30 11.09 16.87
C LEU A 82 7.28 11.45 18.34
N ASP A 83 8.17 10.81 19.11
CA ASP A 83 8.24 11.06 20.53
C ASP A 83 8.53 12.54 20.83
N SER A 84 9.17 13.23 19.89
CA SER A 84 9.47 14.64 20.07
C SER A 84 8.24 15.46 19.68
N LEU A 86 5.01 14.46 20.33
CA LEU A 86 4.20 14.40 21.54
C LEU A 86 5.09 13.81 22.62
N PRO A 87 5.90 14.67 23.27
CA PRO A 87 6.84 14.30 24.34
C PRO A 87 6.16 13.75 25.58
N HIS A 88 4.86 14.01 25.70
CA HIS A 88 4.11 13.53 26.86
C HIS A 88 3.29 12.29 26.55
N CYS A 89 3.58 11.67 25.42
CA CYS A 89 2.88 10.46 25.01
C CYS A 89 3.42 9.28 25.81
N ASP A 90 2.54 8.40 26.26
CA ASP A 90 2.94 7.23 27.04
C ASP A 90 3.53 6.07 26.22
N ARG A 91 2.89 5.73 25.11
CA ARG A 91 3.35 4.62 24.29
C ARG A 91 3.44 4.98 22.81
N ILE A 92 4.60 4.70 22.22
CA ILE A 92 4.85 4.98 20.80
C ILE A 92 5.46 3.77 20.13
N GLU A 93 4.68 3.11 19.27
CA GLU A 93 5.12 1.93 18.55
C GLU A 93 5.16 2.15 17.04
N VAL A 94 6.28 1.78 16.41
CA VAL A 94 6.45 1.94 14.97
C VAL A 94 6.65 0.56 14.35
N ALA A 95 5.84 0.25 13.35
CA ALA A 95 5.93 -1.06 12.69
C ALA A 95 5.71 -0.92 11.18
N GLY A 96 6.06 -1.97 10.45
CA GLY A 96 5.89 -1.94 9.01
C GLY A 96 4.44 -1.94 8.55
N ASP A 97 4.22 -1.50 7.32
CA ASP A 97 2.88 -1.44 6.79
C ASP A 97 2.29 -2.82 6.50
N LEU A 99 2.66 -5.45 8.40
CA LEU A 99 2.14 -5.91 9.67
C LEU A 99 0.82 -5.21 9.98
N GLY A 100 0.76 -3.92 9.63
CA GLY A 100 -0.45 -3.16 9.85
C GLY A 100 -1.58 -3.72 9.03
N ALA A 101 -1.27 -4.20 7.83
CA ALA A 101 -2.29 -4.78 6.97
C ALA A 101 -2.78 -6.10 7.52
N ALA A 102 -1.86 -6.94 7.99
CA ALA A 102 -2.26 -8.23 8.53
C ALA A 102 -3.12 -8.06 9.78
N ARG A 103 -2.76 -7.11 10.63
CA ARG A 103 -3.53 -6.87 11.85
C ARG A 103 -4.92 -6.36 11.53
N ALA A 104 -5.04 -5.57 10.47
CA ALA A 104 -6.34 -5.02 10.08
C ALA A 104 -7.22 -6.05 9.39
N LEU A 105 -6.62 -6.92 8.58
CA LEU A 105 -7.38 -7.94 7.83
C LEU A 105 -7.54 -9.26 8.58
N CYS A 106 -6.49 -9.68 9.24
CA CYS A 106 -6.51 -10.95 9.96
C CYS A 106 -6.98 -10.80 11.40
N GLY A 107 -6.71 -9.65 11.99
CA GLY A 107 -7.11 -9.40 13.35
C GLY A 107 -6.21 -10.09 14.36
N ASP A 108 -6.57 -11.31 14.72
CA ASP A 108 -5.78 -12.05 15.69
C ASP A 108 -5.69 -13.53 15.30
N SER A 109 -6.03 -13.82 14.05
CA SER A 109 -6.00 -15.18 13.54
C SER A 109 -4.95 -15.37 12.45
N GLU A 110 -4.60 -16.64 12.21
CA GLU A 110 -3.61 -17.01 11.21
C GLU A 110 -4.13 -16.74 9.78
N GLY A 111 -3.22 -16.38 8.88
CA GLY A 111 -3.64 -16.09 7.51
C GLY A 111 -2.58 -15.44 6.64
N ILE A 112 -2.94 -15.16 5.39
CA ILE A 112 -2.03 -14.51 4.45
C ILE A 112 -2.56 -13.14 4.12
N ALA A 113 -1.73 -12.12 4.37
CA ALA A 113 -2.12 -10.73 4.11
C ALA A 113 -1.31 -10.16 2.96
N CYS A 114 -2.02 -9.54 2.01
CA CYS A 114 -1.36 -8.97 0.83
C CYS A 114 -1.71 -7.52 0.59
N ILE A 115 -0.73 -6.78 0.07
CA ILE A 115 -0.93 -5.39 -0.24
C ILE A 115 -0.84 -5.22 -1.76
N LEU A 116 -1.80 -4.50 -2.33
CA LEU A 116 -1.82 -4.25 -3.77
C LEU A 116 -2.13 -2.76 -3.96
N GLY A 117 -1.08 -1.95 -3.98
CA GLY A 117 -1.21 -0.51 -4.17
C GLY A 117 -0.15 -0.04 -5.15
N THR A 118 0.60 1.00 -4.80
CA THR A 118 1.67 1.51 -5.68
C THR A 118 2.68 0.37 -5.87
N GLY A 119 2.95 -0.33 -4.78
CA GLY A 119 3.84 -1.48 -4.78
C GLY A 119 3.07 -2.68 -4.26
N SER A 120 3.64 -3.89 -4.34
CA SER A 120 2.97 -5.10 -3.87
C SER A 120 3.73 -5.66 -2.69
N ASN A 121 3.06 -6.51 -1.91
CA ASN A 121 3.71 -7.13 -0.78
C ASN A 121 2.85 -8.31 -0.27
N SER A 122 3.46 -9.21 0.51
CA SER A 122 2.72 -10.33 1.07
C SER A 122 3.43 -10.84 2.31
N CYS A 123 2.70 -11.58 3.15
CA CYS A 123 3.26 -12.15 4.36
C CYS A 123 2.35 -13.24 4.90
N LEU A 124 2.94 -14.17 5.63
CA LEU A 124 2.17 -15.23 6.25
C LEU A 124 2.05 -14.72 7.68
N PHE A 125 0.82 -14.61 8.17
CA PHE A 125 0.54 -14.12 9.53
C PHE A 125 0.12 -15.32 10.39
N ASP A 126 0.64 -15.44 11.60
CA ASP A 126 0.24 -16.57 12.45
C ASP A 126 -0.81 -16.14 13.46
N GLY A 127 -1.22 -14.88 13.37
CA GLY A 127 -2.22 -14.38 14.28
C GLY A 127 -1.73 -13.31 15.23
N ARG A 128 -0.42 -13.21 15.43
CA ARG A 128 0.10 -12.18 16.32
C ARG A 128 1.28 -11.49 15.68
N GLU A 129 2.04 -12.23 14.89
CA GLU A 129 3.19 -11.65 14.21
C GLU A 129 3.47 -12.37 12.90
N ILE A 130 4.19 -11.69 12.03
CA ILE A 130 4.54 -12.22 10.72
C ILE A 130 5.53 -13.36 10.82
N LYS A 131 5.19 -14.48 10.18
CA LYS A 131 6.04 -15.65 10.20
C LYS A 131 6.91 -15.76 8.95
N ALA A 132 6.43 -15.25 7.83
CA ALA A 132 7.19 -15.31 6.58
C ALA A 132 6.81 -14.15 5.65
N ASN A 133 7.79 -13.64 4.90
CA ASN A 133 7.57 -12.51 4.01
C ASN A 133 8.40 -12.63 2.73
N VAL A 134 7.76 -12.43 1.58
CA VAL A 134 8.49 -12.49 0.32
C VAL A 134 8.84 -11.06 -0.06
N SER A 135 10.14 -10.72 -0.06
CA SER A 135 10.52 -9.34 -0.43
C SER A 135 9.90 -9.02 -1.77
N PRO A 136 9.21 -7.87 -1.88
CA PRO A 136 8.55 -7.45 -3.12
C PRO A 136 9.54 -7.14 -4.25
N LEU A 137 10.74 -6.69 -3.90
CA LEU A 137 11.76 -6.41 -4.90
C LEU A 137 11.59 -5.13 -5.71
N GLY A 138 10.51 -4.38 -5.48
CA GLY A 138 10.34 -3.13 -6.21
C GLY A 138 9.67 -3.21 -7.57
N TYR A 139 9.32 -2.05 -8.12
CA TYR A 139 8.63 -1.95 -9.40
C TYR A 139 9.47 -2.38 -10.60
N ILE A 140 10.77 -2.56 -10.41
CA ILE A 140 11.60 -2.99 -11.52
C ILE A 140 11.84 -4.50 -11.47
N LEU A 141 12.19 -5.03 -10.31
CA LEU A 141 12.45 -6.47 -10.19
C LEU A 141 11.26 -7.33 -9.76
N GLY A 142 10.26 -6.70 -9.15
CA GLY A 142 9.10 -7.43 -8.68
C GLY A 142 7.80 -6.65 -8.60
N ASP A 143 7.30 -6.48 -7.37
CA ASP A 143 6.05 -5.79 -7.11
C ASP A 143 4.97 -6.24 -8.09
N GLU A 144 4.82 -7.53 -8.30
CA GLU A 144 3.80 -8.01 -9.24
C GLU A 144 2.38 -7.52 -8.90
N GLY A 145 1.58 -7.23 -9.92
CA GLY A 145 0.21 -6.78 -9.68
C GLY A 145 0.06 -5.41 -9.04
N SER A 146 1.17 -4.75 -8.77
CA SER A 146 1.16 -3.41 -8.17
C SER A 146 0.83 -2.39 -9.25
N GLY A 147 0.37 -1.22 -8.84
CA GLY A 147 0.03 -0.18 -9.79
C GLY A 147 1.21 0.36 -10.59
N ALA A 148 2.41 0.29 -10.03
CA ALA A 148 3.57 0.75 -10.77
C ALA A 148 3.86 -0.26 -11.86
N VAL A 149 3.73 -1.55 -11.55
CA VAL A 149 4.01 -2.55 -12.55
C VAL A 149 2.93 -2.59 -13.62
N LEU A 150 1.67 -2.49 -13.22
CA LEU A 150 0.58 -2.47 -14.20
C LEU A 150 0.87 -1.31 -15.15
N GLY A 151 1.26 -0.19 -14.58
CA GLY A 151 1.57 0.98 -15.37
C GLY A 151 2.70 0.79 -16.39
N ARG A 152 3.84 0.25 -15.98
CA ARG A 152 4.91 0.10 -16.96
C ARG A 152 4.57 -0.96 -18.00
N LEU A 153 3.89 -2.03 -17.59
CA LEU A 153 3.49 -3.05 -18.54
C LEU A 153 2.55 -2.41 -19.55
N PHE A 154 1.54 -1.71 -19.04
CA PHE A 154 0.56 -1.06 -19.90
C PHE A 154 1.14 -0.05 -20.91
N ILE A 155 1.87 0.96 -20.45
CA ILE A 155 2.41 1.93 -21.39
C ILE A 155 3.42 1.29 -22.35
N GLY A 156 4.11 0.25 -21.90
CA GLY A 156 5.06 -0.43 -22.76
C GLY A 156 4.36 -1.01 -23.97
N SER A 157 3.38 -1.87 -23.74
CA SER A 157 2.64 -2.48 -24.83
C SER A 157 1.86 -1.43 -25.62
N LEU A 158 1.35 -0.43 -24.94
CA LEU A 158 0.60 0.63 -25.60
C LEU A 158 1.50 1.34 -26.62
N LEU A 159 2.68 1.74 -26.17
CA LEU A 159 3.64 2.44 -27.01
C LEU A 159 4.15 1.58 -28.16
N LYS A 160 4.09 0.27 -28.01
CA LYS A 160 4.56 -0.62 -29.06
C LYS A 160 3.46 -1.26 -29.89
N GLY A 161 2.33 -0.56 -29.97
CA GLY A 161 1.20 -1.01 -30.75
C GLY A 161 0.59 -2.35 -30.40
N GLN A 162 0.55 -2.71 -29.13
CA GLN A 162 -0.05 -3.98 -28.77
C GLN A 162 -1.49 -3.81 -28.31
N PRO A 164 -5.50 -1.82 -28.99
CA PRO A 164 -6.33 -1.44 -30.13
C PRO A 164 -5.93 -0.08 -30.69
N GLU A 165 -6.21 0.16 -31.97
CA GLU A 165 -5.87 1.41 -32.64
C GLU A 165 -6.56 2.57 -31.96
N GLY A 166 -5.80 3.64 -31.71
CA GLY A 166 -6.35 4.81 -31.05
C GLY A 166 -6.16 4.89 -29.55
N LEU A 167 -6.06 3.75 -28.88
CA LEU A 167 -5.88 3.74 -27.43
C LEU A 167 -4.65 4.52 -27.02
N CYS A 168 -3.57 4.33 -27.76
CA CYS A 168 -2.33 5.02 -27.45
C CYS A 168 -2.56 6.52 -27.52
N GLU A 169 -3.08 6.98 -28.64
CA GLU A 169 -3.35 8.41 -28.83
C GLU A 169 -4.36 8.91 -27.80
N ALA A 170 -5.30 8.06 -27.42
CA ALA A 170 -6.31 8.44 -26.42
C ALA A 170 -5.66 8.61 -25.05
N PHE A 171 -4.66 7.77 -24.76
CA PHE A 171 -3.91 7.78 -23.50
C PHE A 171 -2.99 9.00 -23.43
N LEU A 172 -2.15 9.15 -24.46
CA LEU A 172 -1.20 10.25 -24.48
C LEU A 172 -1.85 11.64 -24.40
N GLN A 173 -2.98 11.81 -25.10
CA GLN A 173 -3.69 13.08 -25.11
C GLN A 173 -4.39 13.40 -23.77
N GLU A 174 -4.89 12.38 -23.09
CA GLU A 174 -5.55 12.59 -21.82
C GLU A 174 -4.58 13.15 -20.79
N TYR A 175 -3.35 12.65 -20.82
CA TYR A 175 -2.30 13.07 -19.90
C TYR A 175 -1.31 14.04 -20.53
N GLY A 176 -1.58 14.47 -21.75
CA GLY A 176 -0.69 15.41 -22.41
C GLY A 176 0.76 14.94 -22.37
N LEU A 177 0.98 13.69 -22.74
CA LEU A 177 2.33 13.17 -22.73
C LEU A 177 2.74 12.72 -24.12
N THR A 178 4.03 12.51 -24.26
CA THR A 178 4.57 12.00 -25.50
C THR A 178 5.53 10.90 -25.08
N SER A 179 5.98 10.12 -26.05
CA SER A 179 6.88 9.03 -25.75
C SER A 179 8.12 9.57 -25.04
N ALA A 180 8.69 10.66 -25.56
CA ALA A 180 9.88 11.23 -24.96
C ALA A 180 9.64 11.70 -23.51
N ASP A 181 8.48 12.27 -23.21
CA ASP A 181 8.20 12.71 -21.83
C ASP A 181 8.15 11.49 -20.90
N ILE A 182 7.55 10.40 -21.38
CA ILE A 182 7.47 9.19 -20.57
C ILE A 182 8.87 8.67 -20.26
N ILE A 183 9.76 8.65 -21.25
CA ILE A 183 11.13 8.19 -21.03
C ILE A 183 11.82 9.08 -20.00
N GLU A 184 11.65 10.39 -20.16
CA GLU A 184 12.24 11.36 -19.24
C GLU A 184 11.76 11.11 -17.79
N SER A 185 10.45 10.98 -17.59
CA SER A 185 9.91 10.75 -16.24
C SER A 185 10.30 9.40 -15.63
N VAL A 186 10.32 8.37 -16.47
CA VAL A 186 10.67 7.05 -16.02
C VAL A 186 12.16 6.87 -15.70
N TYR A 187 13.02 7.42 -16.55
CA TYR A 187 14.46 7.25 -16.35
C TYR A 187 15.25 8.41 -15.77
N ARG A 188 14.73 9.64 -15.81
CA ARG A 188 15.47 10.79 -15.31
C ARG A 188 14.72 11.69 -14.33
N LYS A 189 13.65 11.16 -13.76
CA LYS A 189 12.83 11.91 -12.83
C LYS A 189 12.71 11.10 -11.55
N PRO A 190 12.57 11.77 -10.41
CA PRO A 190 12.43 11.09 -9.11
C PRO A 190 11.08 10.38 -8.97
N PHE A 191 11.07 9.31 -8.18
CA PHE A 191 9.87 8.52 -7.93
C PHE A 191 9.21 8.01 -9.21
N PRO A 192 9.98 7.34 -10.08
CA PRO A 192 9.41 6.85 -11.33
C PRO A 192 8.23 5.89 -11.05
N ASN A 193 8.28 5.19 -9.91
CA ASN A 193 7.21 4.27 -9.54
C ASN A 193 5.85 4.97 -9.37
N ARG A 194 5.86 6.13 -8.72
CA ARG A 194 4.63 6.90 -8.52
C ARG A 194 4.11 7.43 -9.85
N PHE A 195 5.04 7.81 -10.72
CA PHE A 195 4.66 8.32 -12.03
C PHE A 195 3.89 7.21 -12.75
N LEU A 196 4.51 6.03 -12.79
CA LEU A 196 3.94 4.86 -13.45
C LEU A 196 2.60 4.39 -12.84
N ALA A 197 2.51 4.42 -11.51
CA ALA A 197 1.32 3.99 -10.81
C ALA A 197 0.17 5.00 -10.90
N GLY A 198 0.42 6.17 -11.47
CA GLY A 198 -0.61 7.18 -11.58
C GLY A 198 -1.52 7.05 -12.78
N PHE A 199 -1.36 5.97 -13.54
CA PHE A 199 -2.16 5.75 -14.73
C PHE A 199 -3.13 4.61 -14.52
N SER A 200 -3.31 4.21 -13.28
CA SER A 200 -4.21 3.11 -12.97
C SER A 200 -5.66 3.42 -13.36
N PRO A 201 -6.16 4.62 -13.01
CA PRO A 201 -7.54 5.00 -13.34
C PRO A 201 -7.89 4.83 -14.82
N PHE A 202 -6.92 5.04 -15.70
CA PHE A 202 -7.14 4.90 -17.14
C PHE A 202 -7.30 3.42 -17.47
N ILE A 203 -6.46 2.59 -16.87
CA ILE A 203 -6.50 1.15 -17.09
C ILE A 203 -7.82 0.57 -16.56
N ALA A 204 -8.14 0.86 -15.30
CA ALA A 204 -9.37 0.37 -14.71
C ALA A 204 -10.59 0.74 -15.55
N GLN A 205 -10.55 1.94 -16.12
CA GLN A 205 -11.67 2.40 -16.93
C GLN A 205 -11.72 1.78 -18.33
N HIS A 206 -10.76 0.92 -18.63
CA HIS A 206 -10.69 0.29 -19.94
C HIS A 206 -10.63 -1.23 -19.90
N LEU A 207 -11.02 -1.80 -18.75
CA LEU A 207 -11.02 -3.25 -18.55
C LEU A 207 -11.96 -3.96 -19.53
N ASP A 208 -12.84 -3.19 -20.16
CA ASP A 208 -13.78 -3.75 -21.12
C ASP A 208 -13.04 -4.18 -22.38
N ILE A 209 -11.79 -3.78 -22.49
CA ILE A 209 -10.95 -4.13 -23.64
C ILE A 209 -10.12 -5.35 -23.27
N PRO A 210 -10.14 -6.40 -24.12
CA PRO A 210 -9.40 -7.66 -23.92
C PRO A 210 -7.93 -7.49 -23.52
N ALA A 211 -7.16 -6.87 -24.41
CA ALA A 211 -5.73 -6.64 -24.17
C ALA A 211 -5.44 -6.04 -22.79
N VAL A 212 -6.29 -5.14 -22.34
CA VAL A 212 -6.12 -4.49 -21.05
C VAL A 212 -6.42 -5.46 -19.90
N TYR A 213 -7.56 -6.14 -19.99
CA TYR A 213 -7.99 -7.09 -18.97
C TYR A 213 -6.98 -8.23 -18.78
N SER A 214 -6.53 -8.85 -19.88
CA SER A 214 -5.59 -9.94 -19.74
C SER A 214 -4.26 -9.44 -19.16
N LEU A 215 -3.92 -8.18 -19.43
CA LEU A 215 -2.69 -7.61 -18.90
C LEU A 215 -2.78 -7.54 -17.36
N VAL A 216 -3.90 -7.03 -16.85
CA VAL A 216 -4.10 -6.92 -15.42
C VAL A 216 -4.21 -8.30 -14.77
N GLN A 217 -4.89 -9.19 -15.48
CA GLN A 217 -5.10 -10.56 -15.03
C GLN A 217 -3.80 -11.34 -14.89
N ASN A 218 -2.93 -11.24 -15.90
CA ASN A 218 -1.67 -11.95 -15.86
C ASN A 218 -0.75 -11.43 -14.77
N SER A 219 -0.83 -10.15 -14.49
CA SER A 219 0.01 -9.57 -13.46
C SER A 219 -0.45 -10.05 -12.09
N PHE A 220 -1.76 -10.07 -11.87
CA PHE A 220 -2.30 -10.53 -10.59
C PHE A 220 -1.97 -12.01 -10.40
N ASP A 221 -2.06 -12.78 -11.47
CA ASP A 221 -1.76 -14.21 -11.39
C ASP A 221 -0.29 -14.37 -11.01
N ASP A 222 0.56 -13.57 -11.64
CA ASP A 222 2.00 -13.56 -11.40
C ASP A 222 2.28 -13.24 -9.94
N PHE A 223 1.53 -12.30 -9.39
CA PHE A 223 1.72 -11.94 -7.99
C PHE A 223 1.45 -13.15 -7.10
N LEU A 224 0.35 -13.85 -7.35
CA LEU A 224 0.03 -15.02 -6.53
C LEU A 224 1.11 -16.08 -6.63
N VAL A 225 1.46 -16.41 -7.86
CA VAL A 225 2.48 -17.41 -8.12
C VAL A 225 3.80 -17.17 -7.37
N ARG A 226 4.40 -16.00 -7.59
CA ARG A 226 5.69 -15.67 -6.97
C ARG A 226 5.62 -15.05 -5.58
N ASN A 227 4.42 -14.86 -5.04
CA ASN A 227 4.31 -14.23 -3.73
C ASN A 227 3.44 -14.97 -2.71
N VAL A 228 2.47 -15.74 -3.19
CA VAL A 228 1.56 -16.46 -2.29
C VAL A 228 1.73 -17.98 -2.28
N LEU A 229 1.78 -18.59 -3.47
CA LEU A 229 1.90 -20.03 -3.55
C LEU A 229 2.99 -20.59 -2.64
N ARG A 230 4.17 -19.98 -2.70
CA ARG A 230 5.34 -20.39 -1.92
C ARG A 230 5.12 -20.52 -0.41
N TYR A 231 3.99 -20.04 0.09
CA TYR A 231 3.75 -20.16 1.51
C TYR A 231 3.23 -21.56 1.81
N ASN A 232 2.74 -22.24 0.77
CA ASN A 232 2.23 -23.60 0.90
C ASN A 232 1.10 -23.73 1.91
N ARG A 233 0.14 -22.81 1.85
CA ARG A 233 -1.00 -22.82 2.78
C ARG A 233 -2.31 -22.43 2.07
N PRO A 234 -2.69 -23.16 1.01
CA PRO A 234 -3.93 -22.86 0.28
C PRO A 234 -5.19 -23.08 1.09
N ASP A 235 -5.02 -23.34 2.39
CA ASP A 235 -6.15 -23.54 3.28
C ASP A 235 -6.52 -22.17 3.83
N LEU A 236 -5.52 -21.30 3.90
CA LEU A 236 -5.71 -19.94 4.39
C LEU A 236 -6.30 -19.04 3.31
N PRO A 237 -7.37 -18.31 3.65
CA PRO A 237 -8.01 -17.41 2.68
C PRO A 237 -7.13 -16.18 2.48
N LEU A 238 -7.11 -15.65 1.26
CA LEU A 238 -6.30 -14.47 0.94
C LEU A 238 -6.96 -13.14 1.31
N HIS A 239 -6.27 -12.35 2.12
CA HIS A 239 -6.77 -11.05 2.53
C HIS A 239 -5.95 -9.99 1.82
N PHE A 240 -6.61 -9.00 1.24
CA PHE A 240 -5.92 -7.95 0.50
C PHE A 240 -6.23 -6.54 0.94
N ILE A 241 -5.25 -5.66 0.75
CA ILE A 241 -5.43 -4.27 1.09
C ILE A 241 -4.83 -3.43 -0.03
N GLY A 242 -5.32 -2.20 -0.20
CA GLY A 242 -4.75 -1.37 -1.24
C GLY A 242 -5.68 -0.87 -2.33
N SER A 243 -5.30 0.27 -2.89
CA SER A 243 -6.07 0.92 -3.95
C SER A 243 -6.26 0.03 -5.17
N VAL A 244 -5.20 -0.65 -5.59
CA VAL A 244 -5.28 -1.53 -6.75
C VAL A 244 -6.10 -2.80 -6.48
N ALA A 245 -5.94 -3.37 -5.29
CA ALA A 245 -6.69 -4.57 -4.93
C ALA A 245 -8.18 -4.23 -4.93
N PHE A 246 -8.49 -3.05 -4.41
CA PHE A 246 -9.86 -2.60 -4.36
C PHE A 246 -10.37 -2.29 -5.77
N HIS A 247 -9.79 -1.30 -6.43
CA HIS A 247 -10.21 -0.93 -7.78
C HIS A 247 -10.29 -2.08 -8.77
N TYR A 248 -9.52 -3.14 -8.55
CA TYR A 248 -9.52 -4.28 -9.45
C TYR A 248 -10.05 -5.54 -8.78
N ARG A 249 -10.78 -5.36 -7.68
CA ARG A 249 -11.33 -6.47 -6.91
C ARG A 249 -11.97 -7.56 -7.77
N GLU A 250 -12.82 -7.18 -8.71
CA GLU A 250 -13.46 -8.16 -9.56
C GLU A 250 -12.42 -9.05 -10.22
N VAL A 251 -11.45 -8.44 -10.89
CA VAL A 251 -10.40 -9.19 -11.58
C VAL A 251 -9.59 -10.03 -10.61
N LEU A 252 -9.31 -9.46 -9.44
CA LEU A 252 -8.55 -10.16 -8.39
C LEU A 252 -9.29 -11.44 -7.96
N SER A 253 -10.62 -11.36 -7.87
CA SER A 253 -11.42 -12.54 -7.49
C SER A 253 -11.30 -13.65 -8.51
N SER A 254 -11.47 -13.29 -9.79
CA SER A 254 -11.40 -14.27 -10.87
C SER A 254 -10.06 -14.97 -10.88
N VAL A 255 -8.98 -14.21 -10.71
CA VAL A 255 -7.63 -14.77 -10.71
C VAL A 255 -7.46 -15.77 -9.56
N ILE A 256 -7.80 -15.33 -8.35
CA ILE A 256 -7.71 -16.17 -7.18
C ILE A 256 -8.52 -17.46 -7.38
N LYS A 257 -9.78 -17.31 -7.79
CA LYS A 257 -10.66 -18.45 -8.02
C LYS A 257 -10.02 -19.39 -9.04
N LYS A 258 -9.56 -18.82 -10.14
CA LYS A 258 -8.94 -19.58 -11.22
C LYS A 258 -7.77 -20.46 -10.77
N ARG A 259 -7.14 -20.11 -9.66
CA ARG A 259 -6.02 -20.92 -9.16
C ARG A 259 -6.43 -21.84 -8.02
N GLY A 260 -7.75 -21.92 -7.77
CA GLY A 260 -8.26 -22.79 -6.73
C GLY A 260 -8.08 -22.27 -5.31
N LEU A 261 -7.77 -20.99 -5.19
CA LEU A 261 -7.59 -20.38 -3.88
C LEU A 261 -8.88 -19.69 -3.47
N THR A 262 -8.99 -19.32 -2.20
CA THR A 262 -10.18 -18.64 -1.72
C THR A 262 -9.85 -17.23 -1.25
N LEU A 263 -10.71 -16.28 -1.62
CA LEU A 263 -10.53 -14.90 -1.24
C LEU A 263 -11.06 -14.69 0.16
N GLY A 264 -10.24 -14.14 1.05
CA GLY A 264 -10.66 -13.89 2.40
C GLY A 264 -11.40 -12.56 2.46
N SER A 265 -10.77 -11.50 1.96
CA SER A 265 -11.37 -10.18 1.96
C SER A 265 -10.46 -9.16 1.25
N VAL A 266 -11.06 -8.10 0.74
CA VAL A 266 -10.32 -7.04 0.09
C VAL A 266 -10.91 -5.70 0.50
N LEU A 267 -10.07 -4.83 1.02
CA LEU A 267 -10.47 -3.49 1.45
C LEU A 267 -9.43 -2.50 0.98
N GLN A 268 -9.86 -1.27 0.68
CA GLN A 268 -8.92 -0.26 0.21
C GLN A 268 -7.94 0.17 1.31
N SER A 269 -8.48 0.44 2.50
CA SER A 269 -7.69 0.88 3.66
C SER A 269 -7.77 -0.06 4.86
N PRO A 270 -6.69 -0.14 5.66
CA PRO A 270 -6.68 -1.01 6.84
C PRO A 270 -7.06 -0.17 8.07
N GLU A 272 -9.93 1.19 9.32
CA GLU A 272 -11.02 0.67 10.14
C GLU A 272 -10.55 -0.55 10.93
N GLY A 273 -9.74 -1.36 10.26
CA GLY A 273 -9.21 -2.55 10.90
C GLY A 273 -8.24 -2.24 12.02
N LEU A 274 -7.35 -1.27 11.81
CA LEU A 274 -6.40 -0.92 12.85
C LEU A 274 -7.05 -0.25 14.04
N ILE A 275 -8.20 0.38 13.82
CA ILE A 275 -8.89 1.03 14.90
C ILE A 275 -9.44 -0.02 15.85
N GLN A 276 -10.11 -1.02 15.29
CA GLN A 276 -10.66 -2.08 16.13
C GLN A 276 -9.54 -2.89 16.78
N TYR A 277 -8.42 -3.05 16.08
CA TYR A 277 -7.30 -3.82 16.61
C TYR A 277 -6.75 -3.21 17.89
N HIS A 278 -6.37 -1.94 17.83
CA HIS A 278 -5.83 -1.25 19.00
C HIS A 278 -6.93 -0.89 19.99
N HIS A 279 -8.11 -1.45 19.76
CA HIS A 279 -9.24 -1.22 20.65
C HIS A 279 -9.45 -2.51 21.42
N ASN A 280 -9.00 -3.61 20.84
CA ASN A 280 -9.15 -4.93 21.46
C ASN A 280 -7.81 -5.55 21.83
N ASN A 281 -6.72 -4.87 21.47
CA ASN A 281 -5.37 -5.36 21.76
C ASN A 281 -4.51 -4.27 22.37
N HIS A 282 -5.02 -3.64 23.42
CA HIS A 282 -4.30 -2.56 24.12
C HIS A 282 -2.81 -2.88 24.27
N VAL A 283 -2.49 -3.95 24.99
CA VAL A 283 -1.09 -4.32 25.14
C VAL A 283 -0.96 -5.80 25.33
#